data_6TP4
#
_entry.id   6TP4
#
_cell.length_a   61.719
_cell.length_b   146.666
_cell.length_c   73.748
_cell.angle_alpha   90.000
_cell.angle_beta   108.290
_cell.angle_gamma   90.000
#
_symmetry.space_group_name_H-M   'P 1 21 1'
#
loop_
_entity.id
_entity.type
_entity.pdbx_description
1 polymer 'Orexin receptor type 1'
2 non-polymer (2~{S})-~{N}-(3,5-dimethylphenyl)-1-(4-methoxyphenyl)sulfonyl-pyrrolidine-2-carboxamide
3 non-polymer 'octyl 1-thio-beta-D-glucopyranoside'
4 non-polymer 'SULFATE ION'
5 non-polymer '(1R)-2-{[(S)-{[(2S)-2,3-dihydroxypropyl]oxy}(hydroxy)phosphoryl]oxy}-1-[(hexadecanoyloxy)methyl]ethyl (9Z)-octadec-9-enoate'
6 water water
#
_entity_poly.entity_id   1
_entity_poly.type   'polypeptide(L)'
_entity_poly.pdbx_seq_one_letter_code
;AASEDEFLRYLWRDYLYPKQYAWVLIAAYVAVFVVALVGNTLVCLAVWRNHHMRTVTNYFLVNLSLADVLATAICLPASL
LVDITESWLFGHALCKVIPYLQAVSVSVAVLTLSFIALDRWYAICHPLLFKSTARRALGSILGIWAVSLAIMVPQAAVME
CSSVLPELAARTRAFSVCDERWADDLAPKIYHSCFFIVTYLAPLGLMAMAYFQIFRKLWGRQIPGTTSAEVKQMRARRKT
AKMLMVVVLVFALCYLPISVLNVLKRVFGMFRQASDREAVYAAFTFSHWLVYANSAANPIIYNFLSGKFREQFKAAFSWW
LPGLAAAHHHHHHHHH
;
_entity_poly.pdbx_strand_id   A,B
#
# COMPACT_ATOMS: atom_id res chain seq x y z
N GLU A 4 59.60 15.50 -2.02
CA GLU A 4 59.46 16.81 -1.39
C GLU A 4 57.99 17.23 -1.34
N ASP A 5 57.20 16.77 -2.30
CA ASP A 5 55.78 17.04 -2.34
C ASP A 5 54.94 15.97 -1.65
N GLU A 6 55.56 15.04 -0.93
CA GLU A 6 54.78 14.14 -0.08
C GLU A 6 54.06 14.93 1.01
N PHE A 7 54.73 15.92 1.59
CA PHE A 7 54.06 16.76 2.58
C PHE A 7 52.91 17.52 1.95
N LEU A 8 53.09 17.99 0.72
CA LEU A 8 52.05 18.78 0.07
C LEU A 8 50.82 17.93 -0.21
N ARG A 9 51.01 16.66 -0.57
CA ARG A 9 49.87 15.78 -0.81
C ARG A 9 49.21 15.36 0.49
N TYR A 10 50.00 15.10 1.52
CA TYR A 10 49.42 14.70 2.81
C TYR A 10 48.63 15.84 3.45
N LEU A 11 49.03 17.10 3.21
CA LEU A 11 48.24 18.21 3.73
C LEU A 11 46.84 18.20 3.12
N TRP A 12 46.73 17.82 1.85
CA TRP A 12 45.42 17.70 1.22
C TRP A 12 44.67 16.50 1.78
N ARG A 13 45.35 15.36 1.89
CA ARG A 13 44.70 14.14 2.33
C ARG A 13 44.16 14.27 3.75
N ASP A 14 44.88 14.98 4.63
CA ASP A 14 44.62 14.97 6.07
C ASP A 14 43.94 16.24 6.59
N TYR A 15 43.87 17.30 5.81
CA TYR A 15 43.31 18.55 6.31
C TYR A 15 42.44 19.25 5.26
N LEU A 16 43.03 19.57 4.11
CA LEU A 16 42.32 20.37 3.12
C LEU A 16 41.07 19.65 2.63
N TYR A 17 41.22 18.42 2.18
CA TYR A 17 40.07 17.64 1.75
C TYR A 17 39.08 17.41 2.88
N PRO A 18 39.50 16.96 4.07
CA PRO A 18 38.49 16.71 5.11
C PRO A 18 37.67 17.94 5.45
N LYS A 19 38.32 19.11 5.50
CA LYS A 19 37.62 20.34 5.83
C LYS A 19 36.67 20.73 4.69
N GLN A 20 37.14 20.63 3.45
CA GLN A 20 36.30 20.98 2.31
C GLN A 20 35.09 20.06 2.21
N TYR A 21 35.25 18.79 2.58
CA TYR A 21 34.15 17.83 2.49
C TYR A 21 33.13 18.03 3.60
N ALA A 22 33.60 18.29 4.83
CA ALA A 22 32.64 18.65 5.88
C ALA A 22 31.91 19.94 5.51
N TRP A 23 32.61 20.85 4.84
CA TRP A 23 32.00 22.11 4.44
C TRP A 23 30.93 21.92 3.38
N VAL A 24 31.20 21.12 2.35
CA VAL A 24 30.19 20.87 1.34
C VAL A 24 29.00 20.16 1.95
N LEU A 25 29.26 19.24 2.89
CA LEU A 25 28.18 18.51 3.52
C LEU A 25 27.27 19.46 4.29
N ILE A 26 27.86 20.26 5.18
CA ILE A 26 27.04 21.16 6.01
C ILE A 26 26.33 22.20 5.14
N ALA A 27 27.00 22.67 4.08
CA ALA A 27 26.38 23.71 3.26
C ALA A 27 25.20 23.16 2.47
N ALA A 28 25.34 21.95 1.91
CA ALA A 28 24.21 21.37 1.18
C ALA A 28 23.06 21.07 2.13
N TYR A 29 23.37 20.51 3.31
CA TYR A 29 22.31 20.18 4.26
C TYR A 29 21.59 21.45 4.74
N VAL A 30 22.35 22.53 5.00
CA VAL A 30 21.73 23.77 5.50
C VAL A 30 20.92 24.48 4.42
N ALA A 31 21.47 24.59 3.21
CA ALA A 31 20.74 25.23 2.13
C ALA A 31 19.45 24.50 1.87
N VAL A 32 19.49 23.16 1.83
CA VAL A 32 18.27 22.41 1.64
C VAL A 32 17.30 22.62 2.81
N PHE A 33 17.84 22.77 4.03
CA PHE A 33 16.97 22.99 5.19
C PHE A 33 16.18 24.28 5.03
N VAL A 34 16.88 25.36 4.71
CA VAL A 34 16.23 26.67 4.59
C VAL A 34 15.27 26.68 3.40
N VAL A 35 15.72 26.20 2.24
CA VAL A 35 14.88 26.28 1.05
C VAL A 35 13.64 25.42 1.20
N ALA A 36 13.75 24.24 1.80
CA ALA A 36 12.59 23.37 1.96
C ALA A 36 11.60 23.92 2.99
N LEU A 37 12.12 24.47 4.10
CA LEU A 37 11.22 24.99 5.10
C LEU A 37 10.44 26.19 4.55
N VAL A 38 11.15 27.14 3.96
CA VAL A 38 10.50 28.35 3.46
C VAL A 38 9.53 27.99 2.33
N GLY A 39 9.98 27.18 1.37
CA GLY A 39 9.14 26.91 0.21
C GLY A 39 7.89 26.12 0.53
N ASN A 40 8.00 25.11 1.41
CA ASN A 40 6.79 24.36 1.75
C ASN A 40 5.83 25.21 2.58
N THR A 41 6.34 26.08 3.46
CA THR A 41 5.43 26.98 4.16
C THR A 41 4.72 27.90 3.18
N LEU A 42 5.45 28.37 2.16
CA LEU A 42 4.83 29.19 1.13
C LEU A 42 3.81 28.42 0.32
N VAL A 43 4.01 27.12 0.11
CA VAL A 43 3.00 26.33 -0.59
C VAL A 43 1.71 26.35 0.19
N CYS A 44 1.81 26.13 1.49
CA CYS A 44 0.62 26.14 2.33
C CYS A 44 -0.02 27.52 2.33
N LEU A 45 0.77 28.58 2.57
CA LEU A 45 0.19 29.92 2.64
C LEU A 45 -0.41 30.37 1.31
N ALA A 46 0.18 29.95 0.19
CA ALA A 46 -0.38 30.28 -1.12
C ALA A 46 -1.73 29.60 -1.29
N VAL A 47 -1.81 28.31 -0.95
CA VAL A 47 -3.09 27.61 -1.07
C VAL A 47 -4.09 28.24 -0.12
N TRP A 48 -3.63 28.76 1.03
CA TRP A 48 -4.55 29.42 1.94
C TRP A 48 -5.06 30.74 1.39
N ARG A 49 -4.22 31.46 0.64
CA ARG A 49 -4.57 32.83 0.21
C ARG A 49 -5.40 32.86 -1.06
N ASN A 50 -5.09 32.01 -2.03
CA ASN A 50 -5.79 31.98 -3.31
C ASN A 50 -6.85 30.88 -3.27
N HIS A 51 -8.12 31.30 -3.26
CA HIS A 51 -9.22 30.34 -3.19
C HIS A 51 -9.35 29.50 -4.44
N HIS A 52 -8.87 29.99 -5.60
CA HIS A 52 -8.99 29.17 -6.80
C HIS A 52 -8.03 27.99 -6.76
N MET A 53 -7.03 28.04 -5.87
CA MET A 53 -6.10 26.94 -5.79
C MET A 53 -6.58 25.83 -4.86
N ARG A 54 -7.75 25.99 -4.21
CA ARG A 54 -8.16 25.01 -3.21
C ARG A 54 -8.86 23.86 -3.94
N THR A 55 -8.10 23.18 -4.78
CA THR A 55 -8.52 21.99 -5.49
C THR A 55 -8.12 20.74 -4.73
N VAL A 56 -8.66 19.61 -5.16
CA VAL A 56 -8.35 18.34 -4.52
C VAL A 56 -6.84 18.10 -4.60
N THR A 57 -6.29 18.26 -5.81
CA THR A 57 -4.86 18.08 -6.03
C THR A 57 -4.04 19.00 -5.13
N ASN A 58 -4.38 20.30 -5.08
CA ASN A 58 -3.58 21.20 -4.26
C ASN A 58 -3.72 20.90 -2.78
N TYR A 59 -4.86 20.36 -2.34
CA TYR A 59 -4.96 19.93 -0.95
C TYR A 59 -3.99 18.78 -0.70
N PHE A 60 -3.93 17.83 -1.64
CA PHE A 60 -2.93 16.79 -1.49
C PHE A 60 -1.51 17.36 -1.52
N LEU A 61 -1.26 18.35 -2.38
CA LEU A 61 0.07 18.96 -2.44
C LEU A 61 0.43 19.71 -1.16
N VAL A 62 -0.54 20.34 -0.49
CA VAL A 62 -0.26 20.92 0.81
C VAL A 62 0.04 19.83 1.82
N ASN A 63 -0.64 18.69 1.72
CA ASN A 63 -0.28 17.60 2.62
C ASN A 63 1.12 17.08 2.34
N LEU A 64 1.49 16.99 1.07
CA LEU A 64 2.84 16.58 0.71
C LEU A 64 3.86 17.57 1.26
N SER A 65 3.54 18.85 1.18
CA SER A 65 4.41 19.87 1.74
C SER A 65 4.44 19.77 3.26
N LEU A 66 3.35 19.33 3.87
CA LEU A 66 3.31 19.13 5.32
C LEU A 66 4.23 17.98 5.74
N ALA A 67 4.21 16.87 4.99
CA ALA A 67 5.11 15.77 5.28
C ALA A 67 6.56 16.20 5.09
N ASP A 68 6.82 16.97 4.02
CA ASP A 68 8.18 17.42 3.75
C ASP A 68 8.66 18.38 4.84
N VAL A 69 7.75 19.20 5.37
CA VAL A 69 8.12 20.10 6.46
C VAL A 69 8.42 19.32 7.72
N LEU A 70 7.67 18.24 7.97
CA LEU A 70 7.97 17.40 9.12
C LEU A 70 9.39 16.84 9.02
N ALA A 71 9.70 16.21 7.89
CA ALA A 71 11.02 15.59 7.75
C ALA A 71 12.12 16.64 7.76
N THR A 72 11.88 17.81 7.18
CA THR A 72 12.92 18.84 7.14
C THR A 72 13.18 19.42 8.53
N ALA A 73 12.11 19.72 9.26
CA ALA A 73 12.27 20.39 10.53
C ALA A 73 12.92 19.47 11.56
N ILE A 74 12.59 18.18 11.56
CA ILE A 74 12.99 17.30 12.65
C ILE A 74 14.09 16.32 12.23
N CYS A 75 13.93 15.66 11.08
CA CYS A 75 14.84 14.60 10.71
C CYS A 75 16.13 15.11 10.08
N LEU A 76 16.03 16.17 9.27
CA LEU A 76 17.21 16.68 8.58
C LEU A 76 18.34 17.08 9.50
N PRO A 77 18.14 17.89 10.54
CA PRO A 77 19.31 18.24 11.39
C PRO A 77 19.95 17.01 12.02
N ALA A 78 19.12 16.05 12.43
CA ALA A 78 19.62 14.80 13.01
C ALA A 78 20.37 13.97 11.97
N SER A 79 19.85 13.92 10.75
CA SER A 79 20.55 13.18 9.71
C SER A 79 21.90 13.79 9.40
N LEU A 80 22.00 15.11 9.45
CA LEU A 80 23.29 15.77 9.24
C LEU A 80 24.27 15.39 10.34
N LEU A 81 23.81 15.40 11.60
CA LEU A 81 24.74 15.03 12.66
C LEU A 81 25.19 13.58 12.57
N VAL A 82 24.30 12.67 12.12
CA VAL A 82 24.72 11.29 11.96
C VAL A 82 25.73 11.17 10.83
N ASP A 83 25.49 11.85 9.71
CA ASP A 83 26.39 11.79 8.56
C ASP A 83 27.75 12.43 8.82
N ILE A 84 27.84 13.37 9.77
CA ILE A 84 29.16 13.91 10.11
C ILE A 84 29.93 12.97 11.04
N THR A 85 29.30 12.50 12.11
CA THR A 85 29.97 11.76 13.17
C THR A 85 29.71 10.25 13.17
N GLU A 86 28.89 9.73 12.27
CA GLU A 86 28.59 8.30 12.23
C GLU A 86 28.24 7.75 13.62
N SER A 87 27.55 8.57 14.40
CA SER A 87 27.23 8.27 15.79
C SER A 87 25.90 8.93 16.13
N TRP A 88 25.31 8.48 17.22
CA TRP A 88 24.00 8.95 17.66
C TRP A 88 24.14 9.69 18.99
N LEU A 89 23.77 10.96 18.98
CA LEU A 89 23.97 11.86 20.12
C LEU A 89 22.67 12.29 20.77
N PHE A 90 21.52 11.74 20.35
CA PHE A 90 20.21 12.22 20.79
C PHE A 90 19.48 11.29 21.76
N GLY A 91 20.10 10.20 22.20
CA GLY A 91 19.51 9.33 23.20
C GLY A 91 18.59 8.25 22.65
N HIS A 92 18.16 7.38 23.57
CA HIS A 92 17.43 6.17 23.18
C HIS A 92 16.07 6.52 22.58
N ALA A 93 15.33 7.39 23.27
CA ALA A 93 13.98 7.74 22.83
C ALA A 93 14.02 8.36 21.45
N LEU A 94 14.93 9.31 21.23
CA LEU A 94 15.03 9.93 19.91
C LEU A 94 15.57 8.96 18.87
N CYS A 95 16.36 7.97 19.29
CA CYS A 95 16.77 6.93 18.33
C CYS A 95 15.58 6.15 17.83
N LYS A 96 14.53 6.04 18.65
CA LYS A 96 13.30 5.45 18.08
C LYS A 96 12.46 6.48 17.33
N VAL A 97 12.37 7.72 17.83
CA VAL A 97 11.39 8.67 17.31
C VAL A 97 11.81 9.22 15.95
N ILE A 98 13.07 9.67 15.83
CA ILE A 98 13.50 10.33 14.60
C ILE A 98 13.40 9.38 13.42
N PRO A 99 13.93 8.15 13.46
CA PRO A 99 13.69 7.23 12.35
C PRO A 99 12.22 6.94 12.10
N TYR A 100 11.39 6.91 13.16
CA TYR A 100 9.97 6.70 12.98
C TYR A 100 9.35 7.84 12.17
N LEU A 101 9.70 9.09 12.52
CA LEU A 101 9.17 10.22 11.77
C LEU A 101 9.70 10.25 10.35
N GLN A 102 10.92 9.77 10.13
CA GLN A 102 11.40 9.69 8.74
C GLN A 102 10.57 8.70 7.93
N ALA A 103 10.28 7.52 8.52
CA ALA A 103 9.46 6.54 7.81
C ALA A 103 8.03 7.04 7.60
N VAL A 104 7.45 7.71 8.60
CA VAL A 104 6.12 8.28 8.46
C VAL A 104 6.10 9.34 7.38
N SER A 105 7.15 10.16 7.30
CA SER A 105 7.18 11.19 6.27
C SER A 105 7.22 10.57 4.88
N VAL A 106 8.03 9.52 4.71
CA VAL A 106 8.09 8.85 3.40
C VAL A 106 6.73 8.25 3.06
N SER A 107 6.07 7.62 4.04
CA SER A 107 4.80 6.97 3.76
C SER A 107 3.70 7.98 3.42
N VAL A 108 3.61 9.09 4.16
CA VAL A 108 2.63 10.12 3.83
C VAL A 108 2.91 10.68 2.45
N ALA A 109 4.19 10.89 2.12
CA ALA A 109 4.52 11.49 0.83
C ALA A 109 4.11 10.58 -0.33
N VAL A 110 4.46 9.29 -0.26
CA VAL A 110 4.18 8.43 -1.40
C VAL A 110 2.68 8.15 -1.51
N LEU A 111 1.97 8.03 -0.38
CA LEU A 111 0.53 7.85 -0.48
C LEU A 111 -0.15 9.10 -1.04
N THR A 112 0.35 10.29 -0.70
CA THR A 112 -0.26 11.49 -1.25
C THR A 112 -0.06 11.54 -2.76
N LEU A 113 1.15 11.23 -3.25
CA LEU A 113 1.34 11.16 -4.70
C LEU A 113 0.46 10.08 -5.34
N SER A 114 0.29 8.93 -4.67
CA SER A 114 -0.57 7.89 -5.21
C SER A 114 -2.01 8.38 -5.35
N PHE A 115 -2.53 9.05 -4.31
CA PHE A 115 -3.91 9.53 -4.36
C PHE A 115 -4.07 10.67 -5.34
N ILE A 116 -3.01 11.47 -5.56
CA ILE A 116 -3.08 12.48 -6.60
C ILE A 116 -3.23 11.82 -7.96
N ALA A 117 -2.38 10.81 -8.22
CA ALA A 117 -2.48 10.07 -9.49
C ALA A 117 -3.80 9.35 -9.64
N LEU A 118 -4.37 8.84 -8.54
CA LEU A 118 -5.64 8.13 -8.60
C LEU A 118 -6.76 9.10 -8.93
N ASP A 119 -6.75 10.28 -8.30
CA ASP A 119 -7.76 11.28 -8.60
C ASP A 119 -7.66 11.73 -10.04
N ARG A 120 -6.43 11.95 -10.53
CA ARG A 120 -6.25 12.35 -11.92
C ARG A 120 -6.66 11.23 -12.88
N TRP A 121 -6.40 9.98 -12.50
CA TRP A 121 -6.71 8.87 -13.38
C TRP A 121 -8.21 8.66 -13.51
N TYR A 122 -8.95 8.78 -12.41
CA TYR A 122 -10.39 8.69 -12.53
C TYR A 122 -10.98 9.93 -13.22
N ALA A 123 -10.45 11.12 -12.91
CA ALA A 123 -10.98 12.36 -13.50
C ALA A 123 -10.75 12.42 -15.01
N ILE A 124 -9.67 11.81 -15.47
CA ILE A 124 -9.20 11.97 -16.83
C ILE A 124 -9.45 10.71 -17.65
N CYS A 125 -9.34 9.53 -17.04
CA CYS A 125 -9.39 8.29 -17.80
C CYS A 125 -10.71 7.56 -17.67
N HIS A 126 -11.40 7.58 -16.53
CA HIS A 126 -12.70 6.92 -16.42
C HIS A 126 -13.75 7.75 -15.70
N PRO A 127 -14.23 8.80 -16.36
CA PRO A 127 -14.92 9.90 -15.68
C PRO A 127 -16.33 9.50 -15.22
N LEU A 128 -16.89 10.32 -14.33
CA LEU A 128 -18.12 10.10 -13.55
C LEU A 128 -18.21 8.86 -12.67
N LEU A 129 -17.14 8.10 -12.45
CA LEU A 129 -17.33 6.85 -11.73
C LEU A 129 -17.33 7.11 -10.23
N PHE A 130 -16.41 7.96 -9.77
CA PHE A 130 -16.19 8.28 -8.36
C PHE A 130 -16.14 9.80 -8.26
N LYS A 131 -16.82 10.32 -7.25
CA LYS A 131 -16.84 11.75 -6.96
C LYS A 131 -15.64 12.15 -6.12
N SER A 132 -14.95 13.20 -6.54
CA SER A 132 -13.76 13.67 -5.85
C SER A 132 -14.11 15.07 -5.36
N THR A 133 -14.39 15.19 -4.06
CA THR A 133 -14.74 16.47 -3.46
C THR A 133 -13.64 16.84 -2.47
N ALA A 134 -13.53 18.13 -2.19
CA ALA A 134 -12.50 18.59 -1.25
C ALA A 134 -12.73 18.06 0.16
N ARG A 135 -13.97 17.95 0.62
CA ARG A 135 -14.18 17.35 1.92
C ARG A 135 -13.78 15.87 1.93
N ARG A 136 -14.16 15.08 0.89
CA ARG A 136 -13.65 13.70 0.80
C ARG A 136 -12.12 13.65 0.63
N ALA A 137 -11.54 14.63 -0.05
CA ALA A 137 -10.08 14.66 -0.17
C ALA A 137 -9.44 14.86 1.20
N LEU A 138 -10.04 15.73 2.02
CA LEU A 138 -9.56 15.93 3.38
C LEU A 138 -9.73 14.66 4.22
N GLY A 139 -10.81 13.91 3.97
CA GLY A 139 -10.96 12.62 4.64
C GLY A 139 -9.86 11.65 4.26
N SER A 140 -9.53 11.62 2.96
CA SER A 140 -8.44 10.76 2.49
C SER A 140 -7.11 11.20 3.10
N ILE A 141 -6.93 12.50 3.33
CA ILE A 141 -5.69 12.99 3.92
C ILE A 141 -5.56 12.48 5.37
N LEU A 142 -6.67 12.54 6.11
CA LEU A 142 -6.65 12.00 7.47
C LEU A 142 -6.37 10.50 7.43
N GLY A 143 -6.91 9.81 6.43
CA GLY A 143 -6.64 8.38 6.34
C GLY A 143 -5.20 8.09 5.97
N ILE A 144 -4.57 8.98 5.20
CA ILE A 144 -3.17 8.80 4.86
C ILE A 144 -2.31 8.90 6.11
N TRP A 145 -2.58 9.91 6.94
CA TRP A 145 -1.81 9.99 8.18
C TRP A 145 -2.09 8.80 9.09
N ALA A 146 -3.33 8.31 9.13
CA ALA A 146 -3.64 7.17 9.98
C ALA A 146 -2.86 5.92 9.55
N VAL A 147 -2.89 5.62 8.26
CA VAL A 147 -2.14 4.47 7.75
C VAL A 147 -0.65 4.64 7.96
N SER A 148 -0.12 5.82 7.59
CA SER A 148 1.32 5.99 7.66
C SER A 148 1.80 5.84 9.09
N LEU A 149 1.06 6.41 10.04
CA LEU A 149 1.44 6.29 11.45
C LEU A 149 1.32 4.84 11.93
N ALA A 150 0.35 4.07 11.43
CA ALA A 150 0.20 2.72 11.95
C ALA A 150 1.29 1.79 11.40
N ILE A 151 1.53 1.83 10.09
CA ILE A 151 2.36 0.81 9.45
C ILE A 151 3.85 1.01 9.67
N MET A 152 4.29 2.17 10.17
CA MET A 152 5.68 2.37 10.51
C MET A 152 5.97 2.12 11.98
N VAL A 153 4.96 1.69 12.75
CA VAL A 153 5.23 1.29 14.13
C VAL A 153 6.28 0.19 14.20
N PRO A 154 6.23 -0.87 13.37
CA PRO A 154 7.30 -1.88 13.48
C PRO A 154 8.66 -1.27 13.28
N GLN A 155 8.73 -0.26 12.40
CA GLN A 155 9.98 0.46 12.22
C GLN A 155 10.45 1.10 13.51
N ALA A 156 9.53 1.67 14.28
CA ALA A 156 9.92 2.24 15.57
C ALA A 156 10.35 1.12 16.52
N ALA A 157 9.66 -0.02 16.44
CA ALA A 157 9.90 -1.14 17.33
C ALA A 157 11.29 -1.76 17.16
N VAL A 158 11.83 -1.78 15.93
CA VAL A 158 13.12 -2.43 15.75
C VAL A 158 14.31 -1.53 16.10
N MET A 159 14.12 -0.22 16.22
CA MET A 159 15.24 0.66 16.53
C MET A 159 15.78 0.46 17.94
N GLU A 160 17.11 0.45 18.06
CA GLU A 160 17.77 0.31 19.34
C GLU A 160 19.02 1.19 19.31
N CYS A 161 19.22 1.89 20.41
CA CYS A 161 20.36 2.77 20.67
C CYS A 161 21.29 2.07 21.66
N SER A 162 22.47 1.67 21.18
CA SER A 162 23.40 0.89 21.98
C SER A 162 24.77 1.53 21.87
N SER A 163 25.56 1.38 22.93
CA SER A 163 26.90 1.94 22.99
C SER A 163 27.99 1.00 22.50
N VAL A 164 29.16 1.58 22.25
CA VAL A 164 30.32 0.92 21.66
C VAL A 164 31.62 1.55 22.14
N PHE A 175 29.80 7.52 23.26
CA PHE A 175 29.74 7.20 21.83
C PHE A 175 28.67 6.16 21.52
N SER A 176 27.43 6.63 21.34
CA SER A 176 26.29 5.77 21.13
C SER A 176 26.02 5.62 19.63
N VAL A 177 25.35 4.53 19.27
CA VAL A 177 25.02 4.26 17.88
C VAL A 177 23.57 3.78 17.81
N CYS A 178 22.81 4.40 16.92
CA CYS A 178 21.43 4.07 16.64
C CYS A 178 21.30 3.17 15.41
N ASP A 179 20.83 1.93 15.60
CA ASP A 179 20.63 1.07 14.44
C ASP A 179 19.50 0.09 14.76
N GLU A 180 19.03 -0.58 13.72
CA GLU A 180 17.99 -1.61 13.86
C GLU A 180 18.52 -2.86 14.58
N ARG A 181 17.70 -3.39 15.49
CA ARG A 181 18.04 -4.62 16.22
C ARG A 181 17.13 -5.72 15.70
N TRP A 182 17.73 -6.70 15.01
CA TRP A 182 17.00 -7.81 14.39
C TRP A 182 17.31 -9.16 15.03
N ALA A 183 16.24 -9.82 15.47
CA ALA A 183 16.29 -11.12 16.14
C ALA A 183 16.73 -12.24 15.21
N ASP A 184 16.52 -12.12 13.89
CA ASP A 184 16.83 -13.22 12.99
C ASP A 184 17.45 -12.66 11.71
N ASP A 185 18.08 -13.55 10.96
CA ASP A 185 18.78 -13.13 9.76
C ASP A 185 17.79 -12.78 8.66
N LEU A 186 16.62 -13.42 8.69
CA LEU A 186 15.61 -13.42 7.63
C LEU A 186 14.68 -12.24 7.73
N ALA A 187 14.30 -11.87 8.95
CA ALA A 187 13.35 -10.80 9.20
C ALA A 187 13.76 -9.49 8.53
N PRO A 188 14.98 -8.99 8.69
CA PRO A 188 15.33 -7.76 7.97
C PRO A 188 15.20 -7.88 6.47
N LYS A 189 15.49 -9.06 5.90
CA LYS A 189 15.36 -9.21 4.46
C LYS A 189 13.91 -9.16 4.02
N ILE A 190 13.03 -9.86 4.76
CA ILE A 190 11.61 -9.81 4.41
C ILE A 190 11.07 -8.41 4.62
N TYR A 191 11.42 -7.78 5.75
CA TYR A 191 10.86 -6.48 6.07
C TYR A 191 11.29 -5.44 5.05
N HIS A 192 12.59 -5.43 4.68
CA HIS A 192 13.06 -4.40 3.77
C HIS A 192 12.72 -4.70 2.33
N SER A 193 12.50 -5.96 1.98
CA SER A 193 11.88 -6.26 0.70
C SER A 193 10.50 -5.66 0.64
N CYS A 194 9.69 -5.90 1.68
CA CYS A 194 8.34 -5.33 1.71
C CYS A 194 8.37 -3.81 1.72
N PHE A 195 9.30 -3.23 2.49
CA PHE A 195 9.37 -1.78 2.62
C PHE A 195 9.68 -1.15 1.27
N PHE A 196 10.65 -1.74 0.56
CA PHE A 196 11.03 -1.22 -0.74
C PHE A 196 9.88 -1.35 -1.73
N ILE A 197 9.24 -2.52 -1.75
CA ILE A 197 8.20 -2.72 -2.76
C ILE A 197 7.01 -1.79 -2.51
N VAL A 198 6.70 -1.54 -1.24
CA VAL A 198 5.47 -0.83 -0.88
C VAL A 198 5.63 0.69 -0.90
N THR A 199 6.77 1.20 -0.41
CA THR A 199 6.97 2.65 -0.35
C THR A 199 7.66 3.21 -1.58
N TYR A 200 8.14 2.37 -2.48
CA TYR A 200 8.83 2.88 -3.65
C TYR A 200 8.32 2.24 -4.92
N LEU A 201 8.65 0.98 -5.14
CA LEU A 201 8.52 0.42 -6.50
C LEU A 201 7.06 0.33 -6.94
N ALA A 202 6.20 -0.32 -6.14
CA ALA A 202 4.81 -0.47 -6.55
C ALA A 202 4.05 0.84 -6.73
N PRO A 203 4.01 1.75 -5.75
CA PRO A 203 3.29 3.01 -5.98
C PRO A 203 3.82 3.82 -7.15
N LEU A 204 5.13 3.83 -7.36
CA LEU A 204 5.64 4.62 -8.47
C LEU A 204 5.39 3.94 -9.81
N GLY A 205 5.41 2.61 -9.87
CA GLY A 205 5.04 1.94 -11.11
C GLY A 205 3.58 2.11 -11.45
N LEU A 206 2.70 2.04 -10.45
CA LEU A 206 1.29 2.27 -10.72
C LEU A 206 1.06 3.71 -11.15
N MET A 207 1.75 4.65 -10.51
CA MET A 207 1.61 6.05 -10.89
C MET A 207 2.12 6.26 -12.30
N ALA A 208 3.22 5.59 -12.67
CA ALA A 208 3.73 5.75 -14.03
C ALA A 208 2.75 5.23 -15.06
N MET A 209 2.11 4.08 -14.81
CA MET A 209 1.13 3.61 -15.78
C MET A 209 -0.11 4.49 -15.81
N ALA A 210 -0.52 5.00 -14.65
CA ALA A 210 -1.65 5.93 -14.59
C ALA A 210 -1.34 7.20 -15.37
N TYR A 211 -0.17 7.79 -15.14
CA TYR A 211 0.18 9.04 -15.82
C TYR A 211 0.44 8.80 -17.29
N PHE A 212 0.86 7.59 -17.64
CA PHE A 212 0.97 7.25 -19.04
C PHE A 212 -0.40 7.24 -19.70
N GLN A 213 -1.39 6.65 -19.04
CA GLN A 213 -2.74 6.66 -19.59
C GLN A 213 -3.32 8.07 -19.59
N ILE A 214 -3.05 8.85 -18.53
CA ILE A 214 -3.54 10.23 -18.47
C ILE A 214 -2.95 11.03 -19.61
N PHE A 215 -1.66 10.80 -19.91
CA PHE A 215 -1.00 11.47 -21.01
C PHE A 215 -1.60 11.07 -22.35
N ARG A 216 -1.90 9.77 -22.54
CA ARG A 216 -2.49 9.32 -23.80
C ARG A 216 -3.91 9.81 -24.02
N LYS A 217 -4.70 9.92 -22.96
CA LYS A 217 -6.07 10.41 -23.12
C LYS A 217 -6.12 11.94 -23.27
N LEU A 218 -5.19 12.67 -22.63
CA LEU A 218 -5.17 14.13 -22.73
C LEU A 218 -4.43 14.62 -23.96
N TRP A 219 -3.70 13.74 -24.65
CA TRP A 219 -2.91 14.09 -25.82
C TRP A 219 -3.14 13.04 -26.91
N SER A 228 -15.16 22.07 -29.08
CA SER A 228 -14.17 23.15 -29.12
C SER A 228 -14.07 23.89 -27.79
N ALA A 229 -15.19 24.08 -27.07
CA ALA A 229 -15.10 24.74 -25.77
C ALA A 229 -14.40 23.88 -24.72
N GLU A 230 -14.32 22.56 -24.96
CA GLU A 230 -13.64 21.59 -24.08
C GLU A 230 -12.15 21.87 -23.96
N VAL A 231 -11.59 22.56 -24.94
CA VAL A 231 -10.18 22.94 -25.01
C VAL A 231 -9.81 23.90 -23.90
N LYS A 232 -10.73 24.78 -23.48
CA LYS A 232 -10.34 25.62 -22.34
C LYS A 232 -9.99 24.71 -21.17
N GLN A 233 -10.83 23.70 -20.88
CA GLN A 233 -10.48 22.79 -19.79
C GLN A 233 -9.18 22.06 -20.10
N MET A 234 -9.01 21.72 -21.37
CA MET A 234 -7.82 21.01 -21.80
C MET A 234 -6.58 21.84 -21.62
N ARG A 235 -6.68 23.16 -21.80
CA ARG A 235 -5.46 23.92 -21.59
C ARG A 235 -5.01 23.89 -20.13
N ALA A 236 -5.94 24.11 -19.18
CA ALA A 236 -5.54 24.03 -17.78
C ALA A 236 -5.10 22.63 -17.31
N ARG A 237 -5.85 21.59 -17.66
CA ARG A 237 -5.48 20.25 -17.21
C ARG A 237 -4.18 19.71 -17.78
N ARG A 238 -3.83 20.07 -19.00
CA ARG A 238 -2.55 19.58 -19.50
C ARG A 238 -1.39 20.19 -18.70
N LYS A 239 -1.48 21.48 -18.36
CA LYS A 239 -0.38 22.10 -17.63
C LYS A 239 -0.18 21.46 -16.27
N THR A 240 -1.27 21.27 -15.52
CA THR A 240 -1.14 20.66 -14.20
C THR A 240 -0.62 19.23 -14.32
N ALA A 241 -1.06 18.52 -15.36
CA ALA A 241 -0.61 17.14 -15.48
C ALA A 241 0.88 17.12 -15.76
N LYS A 242 1.33 18.06 -16.60
CA LYS A 242 2.75 18.19 -16.87
C LYS A 242 3.48 18.44 -15.55
N MET A 243 2.94 19.34 -14.74
CA MET A 243 3.57 19.61 -13.45
C MET A 243 3.60 18.37 -12.56
N LEU A 244 2.47 17.64 -12.50
CA LEU A 244 2.41 16.49 -11.60
C LEU A 244 3.37 15.39 -12.02
N MET A 245 3.50 15.14 -13.31
CA MET A 245 4.43 14.11 -13.72
C MET A 245 5.85 14.48 -13.32
N VAL A 246 6.19 15.78 -13.39
CA VAL A 246 7.52 16.18 -12.97
C VAL A 246 7.70 15.96 -11.47
N VAL A 247 6.65 16.25 -10.69
CA VAL A 247 6.75 16.01 -9.26
C VAL A 247 7.01 14.55 -9.00
N VAL A 248 6.33 13.67 -9.75
CA VAL A 248 6.52 12.25 -9.49
C VAL A 248 7.92 11.83 -9.92
N LEU A 249 8.38 12.36 -11.04
CA LEU A 249 9.70 11.98 -11.55
C LEU A 249 10.81 12.38 -10.59
N VAL A 250 10.81 13.63 -10.13
CA VAL A 250 11.88 14.00 -9.23
C VAL A 250 11.81 13.17 -7.97
N PHE A 251 10.60 12.81 -7.56
CA PHE A 251 10.48 11.95 -6.39
C PHE A 251 11.08 10.58 -6.66
N ALA A 252 10.75 10.00 -7.81
CA ALA A 252 11.31 8.68 -8.07
C ALA A 252 12.82 8.78 -8.15
N LEU A 253 13.34 9.86 -8.75
CA LEU A 253 14.78 10.01 -8.82
C LEU A 253 15.40 10.31 -7.46
N CYS A 254 14.77 11.20 -6.69
CA CYS A 254 15.39 11.60 -5.43
C CYS A 254 15.45 10.45 -4.45
N TYR A 255 14.41 9.62 -4.45
CA TYR A 255 14.36 8.52 -3.50
C TYR A 255 15.04 7.27 -4.02
N LEU A 256 15.37 7.21 -5.32
CA LEU A 256 15.95 5.96 -5.82
C LEU A 256 17.24 5.52 -5.16
N PRO A 257 18.27 6.36 -5.04
CA PRO A 257 19.53 5.82 -4.48
C PRO A 257 19.43 5.28 -3.07
N ILE A 258 18.82 6.01 -2.15
CA ILE A 258 18.77 5.49 -0.79
C ILE A 258 17.93 4.24 -0.76
N SER A 259 16.86 4.22 -1.55
CA SER A 259 15.98 3.07 -1.50
C SER A 259 16.72 1.84 -2.01
N VAL A 260 17.47 2.02 -3.09
CA VAL A 260 18.27 0.89 -3.57
C VAL A 260 19.35 0.54 -2.56
N LEU A 261 20.02 1.54 -1.99
CA LEU A 261 21.11 1.24 -1.07
C LEU A 261 20.67 0.47 0.16
N ASN A 262 19.50 0.79 0.71
CA ASN A 262 19.09 0.05 1.89
C ASN A 262 18.74 -1.37 1.52
N VAL A 263 18.24 -1.58 0.31
CA VAL A 263 17.99 -2.96 -0.10
C VAL A 263 19.31 -3.71 -0.21
N LEU A 264 20.28 -3.11 -0.90
CA LEU A 264 21.55 -3.82 -1.04
C LEU A 264 22.14 -4.08 0.33
N LYS A 265 21.95 -3.15 1.27
CA LYS A 265 22.51 -3.35 2.59
C LYS A 265 21.69 -4.36 3.39
N ARG A 266 20.36 -4.19 3.42
CA ARG A 266 19.53 -4.98 4.31
C ARG A 266 19.06 -6.31 3.73
N VAL A 267 18.85 -6.39 2.43
CA VAL A 267 18.38 -7.63 1.82
C VAL A 267 19.54 -8.47 1.29
N PHE A 268 20.58 -7.83 0.75
CA PHE A 268 21.71 -8.55 0.16
C PHE A 268 22.96 -8.52 1.01
N GLY A 269 22.97 -7.83 2.15
CA GLY A 269 24.09 -7.99 3.05
C GLY A 269 25.33 -7.29 2.56
N MET A 270 25.19 -6.34 1.65
CA MET A 270 26.31 -5.59 1.07
C MET A 270 26.82 -4.51 2.03
N PHE A 271 27.98 -3.97 1.68
CA PHE A 271 28.60 -2.81 2.32
C PHE A 271 29.14 -3.15 3.70
N ARG A 272 29.45 -4.41 3.97
CA ARG A 272 30.03 -4.81 5.24
C ARG A 272 31.55 -4.86 5.28
N GLN A 273 32.27 -4.73 4.16
CA GLN A 273 33.72 -4.73 4.23
C GLN A 273 34.21 -3.36 4.69
N ALA A 274 35.18 -3.36 5.60
CA ALA A 274 35.75 -2.15 6.19
C ALA A 274 36.87 -1.49 5.39
N SER A 275 37.41 -2.12 4.34
CA SER A 275 38.43 -1.46 3.52
C SER A 275 37.92 -0.20 2.80
N ASP A 276 36.66 -0.18 2.39
CA ASP A 276 36.04 0.98 1.76
C ASP A 276 34.96 1.64 2.62
N ARG A 277 35.18 1.69 3.94
CA ARG A 277 34.20 2.32 4.83
C ARG A 277 33.96 3.80 4.50
N GLU A 278 35.00 4.55 4.12
CA GLU A 278 34.77 5.96 3.81
C GLU A 278 33.94 6.17 2.53
N ALA A 279 34.12 5.30 1.52
CA ALA A 279 33.34 5.42 0.29
C ALA A 279 31.85 5.10 0.48
N VAL A 280 31.54 4.10 1.31
CA VAL A 280 30.14 3.79 1.61
C VAL A 280 29.51 4.92 2.40
N TYR A 281 30.26 5.48 3.38
CA TYR A 281 29.69 6.61 4.11
C TYR A 281 29.37 7.75 3.16
N ALA A 282 30.23 7.98 2.16
CA ALA A 282 29.94 9.08 1.25
C ALA A 282 28.71 8.80 0.40
N ALA A 283 28.53 7.54 -0.02
CA ALA A 283 27.36 7.22 -0.86
C ALA A 283 26.06 7.33 -0.08
N PHE A 284 26.03 6.76 1.14
CA PHE A 284 24.83 6.87 1.95
C PHE A 284 24.55 8.31 2.35
N THR A 285 25.59 9.09 2.59
CA THR A 285 25.37 10.47 2.96
C THR A 285 24.76 11.27 1.82
N PHE A 286 25.27 11.08 0.60
CA PHE A 286 24.66 11.79 -0.52
C PHE A 286 23.22 11.33 -0.75
N SER A 287 22.91 10.05 -0.49
CA SER A 287 21.54 9.59 -0.72
C SER A 287 20.58 10.14 0.35
N HIS A 288 21.02 10.15 1.61
CA HIS A 288 20.26 10.84 2.63
C HIS A 288 20.02 12.29 2.21
N TRP A 289 21.07 12.96 1.78
CA TRP A 289 20.89 14.36 1.40
C TRP A 289 19.89 14.52 0.27
N LEU A 290 19.87 13.58 -0.68
CA LEU A 290 18.92 13.66 -1.79
C LEU A 290 17.47 13.56 -1.34
N VAL A 291 17.20 12.76 -0.30
CA VAL A 291 15.82 12.69 0.17
C VAL A 291 15.34 14.07 0.59
N TYR A 292 16.14 14.78 1.41
CA TYR A 292 15.79 16.12 1.86
C TYR A 292 15.78 17.12 0.69
N ALA A 293 16.66 16.88 -0.29
CA ALA A 293 16.71 17.78 -1.43
C ALA A 293 15.38 17.72 -2.16
N ASN A 294 14.68 16.59 -2.08
CA ASN A 294 13.35 16.49 -2.69
C ASN A 294 12.37 17.48 -2.07
N SER A 295 12.39 17.61 -0.73
CA SER A 295 11.52 18.57 -0.07
C SER A 295 11.85 20.00 -0.49
N ALA A 296 13.15 20.28 -0.68
CA ALA A 296 13.49 21.59 -1.24
C ALA A 296 13.04 21.73 -2.69
N ALA A 297 13.03 20.64 -3.45
CA ALA A 297 12.83 20.70 -4.89
C ALA A 297 11.37 20.92 -5.26
N ASN A 298 10.44 20.35 -4.49
CA ASN A 298 9.03 20.42 -4.89
C ASN A 298 8.51 21.85 -5.04
N PRO A 299 8.69 22.76 -4.08
CA PRO A 299 8.19 24.13 -4.28
C PRO A 299 8.77 24.82 -5.51
N ILE A 300 10.03 24.55 -5.86
CA ILE A 300 10.60 25.10 -7.08
C ILE A 300 9.85 24.55 -8.28
N ILE A 301 9.41 23.29 -8.20
CA ILE A 301 8.66 22.69 -9.29
C ILE A 301 7.31 23.38 -9.43
N TYR A 302 6.62 23.64 -8.31
CA TYR A 302 5.35 24.34 -8.42
C TYR A 302 5.55 25.76 -8.95
N ASN A 303 6.64 26.41 -8.56
CA ASN A 303 6.89 27.78 -9.01
C ASN A 303 7.10 27.85 -10.52
N PHE A 304 7.75 26.83 -11.09
CA PHE A 304 8.10 26.86 -12.50
C PHE A 304 7.11 26.13 -13.42
N LEU A 305 6.17 25.38 -12.87
CA LEU A 305 5.19 24.67 -13.68
C LEU A 305 3.74 25.06 -13.40
N SER A 306 3.49 25.94 -12.44
CA SER A 306 2.14 26.38 -12.12
C SER A 306 2.11 27.91 -12.04
N GLY A 307 1.32 28.53 -12.92
CA GLY A 307 1.27 29.98 -12.94
C GLY A 307 0.63 30.55 -11.68
N LYS A 308 -0.40 29.88 -11.16
CA LYS A 308 -1.05 30.39 -9.95
C LYS A 308 -0.08 30.33 -8.77
N PHE A 309 0.59 29.19 -8.58
CA PHE A 309 1.58 29.09 -7.52
C PHE A 309 2.70 30.10 -7.69
N ARG A 310 3.18 30.31 -8.92
CA ARG A 310 4.26 31.26 -9.07
C ARG A 310 3.81 32.67 -8.71
N GLU A 311 2.60 33.06 -9.12
CA GLU A 311 2.10 34.37 -8.77
C GLU A 311 1.94 34.53 -7.25
N GLN A 312 1.35 33.52 -6.59
CA GLN A 312 1.22 33.62 -5.14
C GLN A 312 2.58 33.62 -4.43
N PHE A 313 3.55 32.86 -4.92
CA PHE A 313 4.87 32.90 -4.28
C PHE A 313 5.55 34.25 -4.46
N LYS A 314 5.39 34.87 -5.63
CA LYS A 314 5.91 36.23 -5.80
C LYS A 314 5.14 37.28 -4.99
N ALA A 315 3.83 37.10 -4.81
CA ALA A 315 3.11 38.05 -3.96
C ALA A 315 3.63 37.96 -2.53
N ALA A 316 4.03 36.77 -2.11
CA ALA A 316 4.63 36.50 -0.80
C ALA A 316 6.11 36.84 -0.81
N PHE A 317 6.75 36.57 -1.95
CA PHE A 317 8.17 36.76 -2.21
C PHE A 317 8.58 38.24 -2.15
N SER A 318 7.77 39.14 -2.71
CA SER A 318 8.21 40.52 -2.76
C SER A 318 8.05 41.27 -1.43
N TRP A 319 7.35 40.70 -0.46
CA TRP A 319 7.00 41.47 0.73
C TRP A 319 8.26 41.83 1.51
N ALA B 22 -12.97 -36.27 -10.80
CA ALA B 22 -13.58 -35.12 -11.43
C ALA B 22 -14.88 -34.72 -10.72
N TRP B 23 -15.59 -35.73 -10.23
CA TRP B 23 -16.84 -35.49 -9.52
C TRP B 23 -16.62 -34.71 -8.23
N VAL B 24 -15.50 -35.01 -7.54
CA VAL B 24 -15.21 -34.29 -6.30
C VAL B 24 -14.98 -32.82 -6.60
N LEU B 25 -14.36 -32.50 -7.74
CA LEU B 25 -14.11 -31.11 -8.05
C LEU B 25 -15.42 -30.36 -8.32
N ILE B 26 -16.34 -30.97 -9.07
CA ILE B 26 -17.62 -30.32 -9.34
C ILE B 26 -18.42 -30.15 -8.06
N ALA B 27 -18.46 -31.18 -7.22
CA ALA B 27 -19.26 -31.10 -6.00
C ALA B 27 -18.69 -30.09 -5.01
N ALA B 28 -17.37 -30.06 -4.84
CA ALA B 28 -16.78 -29.07 -3.95
C ALA B 28 -17.03 -27.66 -4.43
N TYR B 29 -16.88 -27.43 -5.74
CA TYR B 29 -17.10 -26.10 -6.31
C TYR B 29 -18.55 -25.67 -6.15
N VAL B 30 -19.50 -26.55 -6.49
CA VAL B 30 -20.92 -26.19 -6.41
C VAL B 30 -21.35 -25.97 -4.96
N ALA B 31 -20.83 -26.78 -4.04
CA ALA B 31 -21.16 -26.61 -2.63
C ALA B 31 -20.67 -25.27 -2.14
N VAL B 32 -19.43 -24.92 -2.48
CA VAL B 32 -18.89 -23.62 -2.08
C VAL B 32 -19.71 -22.50 -2.71
N PHE B 33 -20.13 -22.68 -3.97
CA PHE B 33 -20.91 -21.65 -4.66
C PHE B 33 -22.19 -21.35 -3.90
N VAL B 34 -22.93 -22.41 -3.58
CA VAL B 34 -24.22 -22.24 -2.92
C VAL B 34 -24.03 -21.66 -1.52
N VAL B 35 -23.11 -22.24 -0.75
CA VAL B 35 -22.93 -21.80 0.63
C VAL B 35 -22.47 -20.35 0.67
N ALA B 36 -21.56 -19.96 -0.24
CA ALA B 36 -21.04 -18.61 -0.19
C ALA B 36 -22.06 -17.59 -0.65
N LEU B 37 -22.81 -17.90 -1.72
CA LEU B 37 -23.82 -16.96 -2.17
C LEU B 37 -24.89 -16.75 -1.10
N VAL B 38 -25.40 -17.84 -0.54
CA VAL B 38 -26.48 -17.72 0.43
C VAL B 38 -25.99 -17.02 1.69
N GLY B 39 -24.85 -17.47 2.24
CA GLY B 39 -24.41 -16.94 3.50
C GLY B 39 -24.02 -15.48 3.42
N ASN B 40 -23.32 -15.08 2.35
CA ASN B 40 -22.95 -13.68 2.23
C ASN B 40 -24.18 -12.79 1.99
N THR B 41 -25.18 -13.28 1.22
CA THR B 41 -26.41 -12.50 1.12
C THR B 41 -27.06 -12.35 2.50
N LEU B 42 -27.01 -13.41 3.31
CA LEU B 42 -27.54 -13.32 4.67
C LEU B 42 -26.74 -12.37 5.55
N VAL B 43 -25.44 -12.24 5.30
CA VAL B 43 -24.65 -11.30 6.10
C VAL B 43 -25.14 -9.88 5.82
N CYS B 44 -25.36 -9.57 4.55
CA CYS B 44 -25.91 -8.25 4.24
C CYS B 44 -27.30 -8.08 4.84
N LEU B 45 -28.15 -9.10 4.72
CA LEU B 45 -29.51 -8.96 5.23
C LEU B 45 -29.54 -8.80 6.75
N ALA B 46 -28.64 -9.50 7.44
CA ALA B 46 -28.57 -9.40 8.90
C ALA B 46 -28.13 -8.02 9.33
N VAL B 47 -27.05 -7.51 8.72
CA VAL B 47 -26.58 -6.19 9.11
C VAL B 47 -27.63 -5.13 8.76
N TRP B 48 -28.36 -5.34 7.67
CA TRP B 48 -29.41 -4.39 7.30
C TRP B 48 -30.56 -4.42 8.30
N ARG B 49 -30.90 -5.60 8.84
CA ARG B 49 -32.10 -5.73 9.68
C ARG B 49 -31.84 -5.25 11.11
N ASN B 50 -30.72 -5.65 11.71
CA ASN B 50 -30.39 -5.34 13.10
C ASN B 50 -29.49 -4.10 13.11
N HIS B 51 -30.03 -2.99 13.66
CA HIS B 51 -29.28 -1.74 13.75
C HIS B 51 -28.13 -1.78 14.76
N HIS B 52 -28.17 -2.66 15.76
CA HIS B 52 -27.04 -2.74 16.67
C HIS B 52 -25.80 -3.22 15.94
N MET B 53 -25.99 -3.98 14.87
CA MET B 53 -24.82 -4.46 14.14
C MET B 53 -24.29 -3.44 13.15
N ARG B 54 -24.93 -2.27 12.99
CA ARG B 54 -24.45 -1.31 12.00
C ARG B 54 -23.29 -0.54 12.63
N THR B 55 -22.22 -1.29 12.88
CA THR B 55 -20.97 -0.79 13.42
C THR B 55 -19.96 -0.56 12.29
N VAL B 56 -18.86 0.11 12.64
CA VAL B 56 -17.79 0.29 11.65
C VAL B 56 -17.29 -1.06 11.17
N THR B 57 -17.01 -1.96 12.12
CA THR B 57 -16.52 -3.30 11.78
C THR B 57 -17.48 -4.04 10.87
N ASN B 58 -18.77 -4.05 11.24
CA ASN B 58 -19.74 -4.78 10.45
C ASN B 58 -19.94 -4.15 9.08
N TYR B 59 -19.82 -2.83 8.96
CA TYR B 59 -19.92 -2.25 7.63
C TYR B 59 -18.78 -2.76 6.75
N PHE B 60 -17.56 -2.80 7.29
CA PHE B 60 -16.47 -3.37 6.53
C PHE B 60 -16.70 -4.86 6.22
N LEU B 61 -17.26 -5.61 7.18
CA LEU B 61 -17.52 -7.03 6.92
C LEU B 61 -18.54 -7.24 5.82
N VAL B 62 -19.53 -6.36 5.74
CA VAL B 62 -20.48 -6.41 4.61
C VAL B 62 -19.76 -6.13 3.30
N ASN B 63 -18.79 -5.20 3.31
CA ASN B 63 -18.03 -4.99 2.09
C ASN B 63 -17.22 -6.21 1.70
N LEU B 64 -16.65 -6.90 2.70
CA LEU B 64 -15.92 -8.12 2.40
C LEU B 64 -16.83 -9.22 1.84
N SER B 65 -18.05 -9.32 2.38
CA SER B 65 -19.02 -10.26 1.85
C SER B 65 -19.48 -9.86 0.45
N LEU B 66 -19.51 -8.57 0.16
CA LEU B 66 -19.87 -8.08 -1.17
C LEU B 66 -18.80 -8.48 -2.19
N ALA B 67 -17.52 -8.33 -1.82
CA ALA B 67 -16.45 -8.78 -2.70
C ALA B 67 -16.54 -10.28 -2.91
N ASP B 68 -16.91 -11.01 -1.85
CA ASP B 68 -17.02 -12.46 -1.97
C ASP B 68 -18.18 -12.85 -2.87
N VAL B 69 -19.31 -12.12 -2.79
CA VAL B 69 -20.43 -12.40 -3.68
C VAL B 69 -20.07 -12.07 -5.12
N LEU B 70 -19.25 -11.05 -5.35
CA LEU B 70 -18.83 -10.76 -6.71
C LEU B 70 -17.99 -11.88 -7.29
N ALA B 71 -17.00 -12.33 -6.51
CA ALA B 71 -16.16 -13.42 -6.98
C ALA B 71 -16.95 -14.70 -7.12
N THR B 72 -17.90 -14.93 -6.21
CA THR B 72 -18.65 -16.18 -6.21
C THR B 72 -19.60 -16.23 -7.38
N ALA B 73 -20.28 -15.11 -7.65
CA ALA B 73 -21.28 -15.08 -8.71
C ALA B 73 -20.64 -15.20 -10.08
N ILE B 74 -19.51 -14.55 -10.32
CA ILE B 74 -18.97 -14.44 -11.67
C ILE B 74 -17.73 -15.30 -11.87
N CYS B 75 -16.73 -15.15 -11.01
CA CYS B 75 -15.45 -15.83 -11.22
C CYS B 75 -15.54 -17.34 -11.02
N LEU B 76 -16.26 -17.80 -10.00
CA LEU B 76 -16.27 -19.24 -9.68
C LEU B 76 -16.73 -20.15 -10.80
N PRO B 77 -17.87 -19.94 -11.45
CA PRO B 77 -18.25 -20.86 -12.53
C PRO B 77 -17.23 -20.94 -13.65
N ALA B 78 -16.62 -19.81 -13.98
CA ALA B 78 -15.61 -19.78 -15.04
C ALA B 78 -14.37 -20.57 -14.64
N SER B 79 -13.93 -20.42 -13.40
CA SER B 79 -12.76 -21.15 -12.94
C SER B 79 -13.01 -22.65 -12.88
N LEU B 80 -14.22 -23.06 -12.53
CA LEU B 80 -14.52 -24.48 -12.56
C LEU B 80 -14.44 -25.03 -13.98
N LEU B 81 -15.02 -24.31 -14.95
CA LEU B 81 -14.95 -24.83 -16.32
C LEU B 81 -13.52 -24.87 -16.82
N VAL B 82 -12.70 -23.89 -16.42
CA VAL B 82 -11.30 -23.90 -16.83
C VAL B 82 -10.55 -25.06 -16.22
N ASP B 83 -10.72 -25.29 -14.91
CA ASP B 83 -9.98 -26.37 -14.27
C ASP B 83 -10.41 -27.73 -14.79
N ILE B 84 -11.66 -27.89 -15.21
CA ILE B 84 -12.09 -29.19 -15.72
C ILE B 84 -11.64 -29.42 -17.16
N THR B 85 -11.85 -28.41 -18.02
CA THR B 85 -11.60 -28.57 -19.46
C THR B 85 -10.21 -28.15 -19.92
N GLU B 86 -9.43 -27.47 -19.08
CA GLU B 86 -8.12 -26.94 -19.49
C GLU B 86 -8.23 -26.01 -20.70
N SER B 87 -9.36 -25.35 -20.89
CA SER B 87 -9.49 -24.43 -22.01
C SER B 87 -10.37 -23.27 -21.62
N TRP B 88 -10.26 -22.19 -22.40
CA TRP B 88 -11.07 -21.01 -22.21
C TRP B 88 -12.12 -20.96 -23.29
N LEU B 89 -13.38 -21.00 -22.89
CA LEU B 89 -14.48 -21.10 -23.82
C LEU B 89 -15.33 -19.84 -23.85
N PHE B 90 -14.90 -18.78 -23.15
CA PHE B 90 -15.70 -17.57 -22.95
C PHE B 90 -15.27 -16.38 -23.81
N GLY B 91 -14.24 -16.50 -24.65
CA GLY B 91 -13.82 -15.44 -25.55
C GLY B 91 -12.82 -14.44 -24.97
N HIS B 92 -12.38 -13.53 -25.86
CA HIS B 92 -11.26 -12.65 -25.55
C HIS B 92 -11.64 -11.66 -24.44
N ALA B 93 -12.81 -11.04 -24.59
CA ALA B 93 -13.21 -9.99 -23.66
C ALA B 93 -13.35 -10.55 -22.25
N LEU B 94 -14.00 -11.71 -22.13
CA LEU B 94 -14.14 -12.31 -20.82
C LEU B 94 -12.80 -12.81 -20.31
N CYS B 95 -11.88 -13.14 -21.21
CA CYS B 95 -10.53 -13.51 -20.78
C CYS B 95 -9.85 -12.36 -20.08
N LYS B 96 -10.22 -11.13 -20.44
CA LYS B 96 -9.72 -10.02 -19.63
C LYS B 96 -10.61 -9.70 -18.44
N VAL B 97 -11.94 -9.74 -18.61
CA VAL B 97 -12.85 -9.26 -17.58
C VAL B 97 -12.85 -10.18 -16.36
N ILE B 98 -13.02 -11.49 -16.58
CA ILE B 98 -13.19 -12.40 -15.45
C ILE B 98 -11.93 -12.44 -14.59
N PRO B 99 -10.73 -12.62 -15.14
CA PRO B 99 -9.51 -12.50 -14.30
C PRO B 99 -9.35 -11.13 -13.65
N TYR B 100 -9.79 -10.06 -14.34
CA TYR B 100 -9.75 -8.73 -13.74
C TYR B 100 -10.63 -8.65 -12.51
N LEU B 101 -11.86 -9.17 -12.61
CA LEU B 101 -12.76 -9.16 -11.46
C LEU B 101 -12.22 -10.01 -10.33
N GLN B 102 -11.50 -11.09 -10.65
CA GLN B 102 -10.85 -11.85 -9.59
C GLN B 102 -9.83 -11.00 -8.85
N ALA B 103 -8.97 -10.29 -9.60
CA ALA B 103 -7.96 -9.48 -8.93
C ALA B 103 -8.59 -8.36 -8.10
N VAL B 104 -9.65 -7.74 -8.63
CA VAL B 104 -10.33 -6.69 -7.88
C VAL B 104 -10.95 -7.24 -6.61
N SER B 105 -11.55 -8.44 -6.70
CA SER B 105 -12.16 -9.02 -5.51
C SER B 105 -11.13 -9.31 -4.43
N VAL B 106 -9.96 -9.81 -4.83
CA VAL B 106 -8.89 -10.06 -3.85
C VAL B 106 -8.45 -8.75 -3.20
N SER B 107 -8.26 -7.71 -4.02
CA SER B 107 -7.78 -6.44 -3.48
C SER B 107 -8.80 -5.83 -2.53
N VAL B 108 -10.08 -5.88 -2.89
CA VAL B 108 -11.12 -5.35 -2.02
C VAL B 108 -11.13 -6.10 -0.70
N ALA B 109 -10.94 -7.42 -0.75
CA ALA B 109 -10.95 -8.21 0.49
C ALA B 109 -9.77 -7.84 1.38
N VAL B 110 -8.57 -7.75 0.82
CA VAL B 110 -7.42 -7.50 1.67
C VAL B 110 -7.43 -6.08 2.20
N LEU B 111 -7.90 -5.11 1.40
CA LEU B 111 -8.01 -3.76 1.94
C LEU B 111 -9.11 -3.67 2.99
N THR B 112 -10.20 -4.43 2.81
CA THR B 112 -11.25 -4.39 3.82
C THR B 112 -10.76 -4.96 5.14
N LEU B 113 -10.08 -6.10 5.10
CA LEU B 113 -9.49 -6.64 6.34
C LEU B 113 -8.43 -5.70 6.93
N SER B 114 -7.61 -5.08 6.07
CA SER B 114 -6.63 -4.14 6.59
C SER B 114 -7.30 -2.96 7.28
N PHE B 115 -8.40 -2.46 6.72
CA PHE B 115 -9.06 -1.32 7.33
C PHE B 115 -9.80 -1.69 8.60
N ILE B 116 -10.32 -2.92 8.67
CA ILE B 116 -10.88 -3.42 9.92
C ILE B 116 -9.79 -3.48 10.99
N ALA B 117 -8.64 -4.06 10.64
CA ALA B 117 -7.55 -4.16 11.61
C ALA B 117 -7.07 -2.78 12.04
N LEU B 118 -7.06 -1.81 11.11
CA LEU B 118 -6.66 -0.45 11.43
C LEU B 118 -7.66 0.20 12.38
N ASP B 119 -8.95 -0.01 12.14
CA ASP B 119 -9.97 0.58 13.00
C ASP B 119 -9.87 0.03 14.41
N ARG B 120 -9.72 -1.30 14.52
CA ARG B 120 -9.59 -1.91 15.84
C ARG B 120 -8.30 -1.47 16.51
N TRP B 121 -7.24 -1.28 15.73
CA TRP B 121 -5.97 -0.88 16.32
C TRP B 121 -6.05 0.52 16.92
N TYR B 122 -6.58 1.49 16.17
CA TYR B 122 -6.75 2.83 16.75
C TYR B 122 -7.79 2.85 17.87
N ALA B 123 -8.88 2.08 17.75
CA ALA B 123 -9.92 2.10 18.78
C ALA B 123 -9.44 1.50 20.10
N ILE B 124 -8.56 0.51 20.04
CA ILE B 124 -8.17 -0.28 21.21
C ILE B 124 -6.76 0.05 21.66
N CYS B 125 -5.84 0.31 20.72
CA CYS B 125 -4.45 0.49 21.10
C CYS B 125 -4.00 1.95 21.16
N HIS B 126 -4.55 2.88 20.36
CA HIS B 126 -4.15 4.29 20.52
C HIS B 126 -5.36 5.21 20.49
N PRO B 127 -6.16 5.12 21.55
CA PRO B 127 -7.52 5.64 21.54
C PRO B 127 -7.53 7.15 21.47
N LEU B 128 -8.68 7.67 21.11
CA LEU B 128 -8.90 9.07 20.78
C LEU B 128 -8.00 9.68 19.73
N LEU B 129 -7.34 8.91 18.85
CA LEU B 129 -6.52 9.66 17.92
C LEU B 129 -7.33 10.07 16.70
N PHE B 130 -8.11 9.14 16.18
CA PHE B 130 -8.89 9.28 14.96
C PHE B 130 -10.32 8.85 15.24
N LYS B 131 -11.26 9.70 14.85
CA LYS B 131 -12.68 9.39 14.95
C LYS B 131 -13.12 8.50 13.79
N SER B 132 -13.75 7.37 14.14
CA SER B 132 -14.24 6.40 13.15
C SER B 132 -15.76 6.37 13.25
N THR B 133 -16.42 6.85 12.20
CA THR B 133 -17.86 6.93 12.09
C THR B 133 -18.34 6.19 10.84
N ALA B 134 -19.65 5.92 10.79
CA ALA B 134 -20.20 5.19 9.66
C ALA B 134 -20.02 5.96 8.35
N ARG B 135 -20.12 7.29 8.38
CA ARG B 135 -19.94 8.05 7.15
C ARG B 135 -18.49 7.93 6.65
N ARG B 136 -17.51 8.13 7.54
CA ARG B 136 -16.13 7.90 7.16
C ARG B 136 -15.87 6.44 6.78
N ALA B 137 -16.56 5.48 7.41
CA ALA B 137 -16.37 4.09 7.00
C ALA B 137 -16.90 3.83 5.59
N LEU B 138 -18.04 4.41 5.22
CA LEU B 138 -18.52 4.27 3.86
C LEU B 138 -17.60 4.96 2.86
N GLY B 139 -17.02 6.09 3.26
CA GLY B 139 -16.03 6.73 2.40
C GLY B 139 -14.80 5.87 2.22
N SER B 140 -14.37 5.21 3.30
CA SER B 140 -13.23 4.31 3.19
C SER B 140 -13.56 3.14 2.28
N ILE B 141 -14.80 2.65 2.33
CA ILE B 141 -15.20 1.54 1.48
C ILE B 141 -15.19 1.96 0.01
N LEU B 142 -15.69 3.17 -0.27
CA LEU B 142 -15.65 3.68 -1.63
C LEU B 142 -14.21 3.84 -2.09
N GLY B 143 -13.32 4.28 -1.19
CA GLY B 143 -11.92 4.39 -1.54
C GLY B 143 -11.30 3.04 -1.81
N ILE B 144 -11.74 2.01 -1.08
CA ILE B 144 -11.19 0.67 -1.29
C ILE B 144 -11.56 0.18 -2.68
N TRP B 145 -12.80 0.42 -3.09
CA TRP B 145 -13.18 0.02 -4.43
C TRP B 145 -12.43 0.82 -5.48
N ALA B 146 -12.22 2.11 -5.24
CA ALA B 146 -11.53 2.91 -6.24
C ALA B 146 -10.08 2.44 -6.40
N VAL B 147 -9.40 2.20 -5.28
CA VAL B 147 -8.03 1.70 -5.33
C VAL B 147 -8.00 0.33 -5.98
N SER B 148 -8.92 -0.56 -5.59
CA SER B 148 -8.86 -1.92 -6.09
C SER B 148 -9.11 -1.95 -7.59
N LEU B 149 -10.06 -1.12 -8.05
CA LEU B 149 -10.36 -1.03 -9.46
C LEU B 149 -9.21 -0.41 -10.24
N ALA B 150 -8.47 0.52 -9.63
CA ALA B 150 -7.43 1.16 -10.40
C ALA B 150 -6.18 0.29 -10.51
N ILE B 151 -5.73 -0.29 -9.39
CA ILE B 151 -4.44 -0.97 -9.41
C ILE B 151 -4.47 -2.33 -10.10
N MET B 152 -5.65 -2.88 -10.39
CA MET B 152 -5.70 -4.16 -11.09
C MET B 152 -5.92 -4.03 -12.59
N VAL B 153 -5.99 -2.80 -13.13
CA VAL B 153 -6.04 -2.62 -14.59
C VAL B 153 -4.86 -3.26 -15.30
N PRO B 154 -3.62 -3.13 -14.85
CA PRO B 154 -2.51 -3.79 -15.56
C PRO B 154 -2.67 -5.31 -15.67
N GLN B 155 -3.28 -5.94 -14.65
CA GLN B 155 -3.55 -7.38 -14.74
C GLN B 155 -4.49 -7.68 -15.90
N ALA B 156 -5.55 -6.88 -16.08
CA ALA B 156 -6.44 -7.08 -17.21
C ALA B 156 -5.73 -6.80 -18.53
N ALA B 157 -4.80 -5.84 -18.53
CA ALA B 157 -4.11 -5.46 -19.75
C ALA B 157 -3.17 -6.57 -20.24
N VAL B 158 -2.58 -7.36 -19.33
CA VAL B 158 -1.67 -8.42 -19.78
C VAL B 158 -2.42 -9.66 -20.24
N MET B 159 -3.70 -9.78 -19.92
CA MET B 159 -4.45 -10.98 -20.25
C MET B 159 -4.61 -11.07 -21.76
N GLU B 160 -4.45 -12.27 -22.29
CA GLU B 160 -4.64 -12.49 -23.72
C GLU B 160 -5.13 -13.91 -23.91
N CYS B 161 -5.99 -14.05 -24.90
CA CYS B 161 -6.63 -15.30 -25.27
C CYS B 161 -6.01 -15.75 -26.59
N SER B 162 -5.46 -16.97 -26.60
CA SER B 162 -4.76 -17.47 -27.78
C SER B 162 -5.06 -18.95 -27.94
N SER B 163 -5.14 -19.39 -29.19
CA SER B 163 -5.40 -20.79 -29.50
C SER B 163 -4.13 -21.58 -29.74
N VAL B 164 -4.23 -22.89 -29.49
CA VAL B 164 -3.09 -23.77 -29.40
C VAL B 164 -2.27 -23.76 -30.69
N LEU B 165 -2.98 -23.50 -31.79
CA LEU B 165 -2.37 -23.37 -33.14
C LEU B 165 -2.84 -22.04 -33.74
N PRO B 166 -2.14 -21.47 -34.74
CA PRO B 166 -2.45 -20.12 -35.18
C PRO B 166 -3.87 -19.79 -35.66
N GLU B 167 -4.48 -20.64 -36.48
CA GLU B 167 -5.82 -20.24 -36.97
C GLU B 167 -6.90 -21.18 -36.43
N LEU B 168 -6.58 -21.99 -35.43
CA LEU B 168 -7.55 -22.97 -34.94
C LEU B 168 -8.76 -22.30 -34.29
N ALA B 169 -8.58 -21.14 -33.68
CA ALA B 169 -9.68 -20.48 -32.97
C ALA B 169 -10.79 -20.07 -33.90
N ALA B 170 -10.54 -20.02 -35.21
CA ALA B 170 -11.59 -19.73 -36.17
C ALA B 170 -12.65 -20.83 -36.19
N ARG B 171 -12.36 -22.01 -35.66
CA ARG B 171 -13.29 -23.13 -35.67
C ARG B 171 -13.81 -23.53 -34.29
N THR B 172 -12.96 -23.53 -33.26
CA THR B 172 -13.39 -24.03 -31.95
C THR B 172 -12.63 -23.34 -30.83
N ARG B 173 -13.32 -23.19 -29.69
CA ARG B 173 -12.69 -22.72 -28.47
C ARG B 173 -12.14 -23.84 -27.60
N ALA B 174 -12.35 -25.11 -27.99
CA ALA B 174 -11.90 -26.19 -27.13
C ALA B 174 -10.40 -26.16 -26.94
N PHE B 175 -9.67 -25.56 -27.87
CA PHE B 175 -8.22 -25.48 -27.77
C PHE B 175 -7.74 -24.06 -27.52
N SER B 176 -8.62 -23.17 -27.08
CA SER B 176 -8.19 -21.81 -26.75
C SER B 176 -7.80 -21.75 -25.29
N VAL B 177 -6.88 -20.81 -24.96
CA VAL B 177 -6.45 -20.64 -23.58
C VAL B 177 -6.33 -19.16 -23.25
N CYS B 178 -6.72 -18.81 -22.01
CA CYS B 178 -6.58 -17.47 -21.44
C CYS B 178 -5.37 -17.39 -20.52
N ASP B 179 -4.37 -16.56 -20.87
CA ASP B 179 -3.18 -16.44 -20.04
C ASP B 179 -2.55 -15.06 -20.21
N GLU B 180 -1.64 -14.76 -19.28
CA GLU B 180 -0.89 -13.50 -19.33
C GLU B 180 0.11 -13.53 -20.49
N ARG B 181 0.26 -12.37 -21.11
CA ARG B 181 1.19 -12.16 -22.23
C ARG B 181 2.26 -11.21 -21.76
N TRP B 182 3.50 -11.69 -21.72
CA TRP B 182 4.60 -10.86 -21.24
C TRP B 182 5.62 -10.55 -22.31
N ALA B 183 5.92 -9.26 -22.42
CA ALA B 183 6.91 -8.79 -23.37
C ALA B 183 8.31 -9.27 -23.00
N ASP B 184 8.57 -9.52 -21.71
CA ASP B 184 9.90 -9.87 -21.29
C ASP B 184 9.85 -10.91 -20.19
N ASP B 185 11.03 -11.47 -19.92
CA ASP B 185 11.16 -12.52 -18.93
C ASP B 185 11.12 -11.94 -17.54
N LEU B 186 11.47 -10.65 -17.41
CA LEU B 186 11.69 -9.93 -16.17
C LEU B 186 10.40 -9.33 -15.64
N ALA B 187 9.58 -8.79 -16.55
CA ALA B 187 8.35 -8.12 -16.15
C ALA B 187 7.44 -9.04 -15.34
N PRO B 188 7.17 -10.28 -15.75
CA PRO B 188 6.38 -11.15 -14.87
C PRO B 188 7.02 -11.39 -13.51
N LYS B 189 8.35 -11.47 -13.44
CA LYS B 189 9.00 -11.68 -12.15
C LYS B 189 8.79 -10.49 -11.23
N ILE B 190 8.97 -9.28 -11.78
CA ILE B 190 8.77 -8.07 -10.98
C ILE B 190 7.31 -7.91 -10.60
N TYR B 191 6.42 -8.11 -11.57
CA TYR B 191 5.01 -7.87 -11.31
C TYR B 191 4.47 -8.85 -10.29
N HIS B 192 4.81 -10.13 -10.39
CA HIS B 192 4.27 -11.11 -9.45
C HIS B 192 4.94 -11.03 -8.09
N SER B 193 6.19 -10.55 -8.04
CA SER B 193 6.78 -10.19 -6.75
C SER B 193 6.01 -9.07 -6.08
N CYS B 194 5.73 -8.00 -6.85
CA CYS B 194 4.98 -6.88 -6.30
C CYS B 194 3.56 -7.28 -5.90
N PHE B 195 2.93 -8.12 -6.70
CA PHE B 195 1.53 -8.48 -6.45
C PHE B 195 1.44 -9.28 -5.17
N PHE B 196 2.38 -10.23 -4.98
CA PHE B 196 2.40 -11.03 -3.77
C PHE B 196 2.68 -10.17 -2.54
N ILE B 197 3.65 -9.26 -2.62
CA ILE B 197 3.98 -8.46 -1.43
C ILE B 197 2.83 -7.55 -1.06
N VAL B 198 2.16 -6.95 -2.05
CA VAL B 198 1.18 -5.89 -1.76
C VAL B 198 -0.17 -6.48 -1.39
N THR B 199 -0.58 -7.59 -2.01
CA THR B 199 -1.89 -8.15 -1.73
C THR B 199 -1.88 -9.26 -0.70
N TYR B 200 -0.72 -9.70 -0.24
CA TYR B 200 -0.74 -10.79 0.73
C TYR B 200 0.18 -10.51 1.90
N LEU B 201 1.48 -10.50 1.65
CA LEU B 201 2.43 -10.57 2.77
C LEU B 201 2.36 -9.31 3.61
N ALA B 202 2.52 -8.14 2.99
CA ALA B 202 2.53 -6.89 3.75
C ALA B 202 1.22 -6.61 4.48
N PRO B 203 0.06 -6.59 3.82
CA PRO B 203 -1.17 -6.28 4.56
C PRO B 203 -1.45 -7.27 5.67
N LEU B 204 -1.16 -8.56 5.45
CA LEU B 204 -1.40 -9.55 6.48
C LEU B 204 -0.40 -9.50 7.62
N GLY B 205 0.87 -9.16 7.34
CA GLY B 205 1.83 -8.97 8.43
C GLY B 205 1.49 -7.75 9.28
N LEU B 206 1.06 -6.66 8.63
CA LEU B 206 0.65 -5.48 9.38
C LEU B 206 -0.59 -5.78 10.22
N MET B 207 -1.53 -6.51 9.64
CA MET B 207 -2.73 -6.91 10.37
C MET B 207 -2.34 -7.82 11.54
N ALA B 208 -1.41 -8.74 11.32
CA ALA B 208 -0.98 -9.63 12.39
C ALA B 208 -0.35 -8.86 13.54
N MET B 209 0.52 -7.90 13.26
CA MET B 209 1.10 -7.14 14.37
C MET B 209 0.03 -6.31 15.06
N ALA B 210 -0.93 -5.77 14.29
CA ALA B 210 -2.00 -4.99 14.89
C ALA B 210 -2.83 -5.83 15.83
N TYR B 211 -3.25 -7.03 15.38
CA TYR B 211 -4.06 -7.90 16.23
C TYR B 211 -3.24 -8.49 17.36
N PHE B 212 -1.92 -8.58 17.20
CA PHE B 212 -1.09 -8.94 18.33
C PHE B 212 -1.13 -7.87 19.42
N GLN B 213 -1.00 -6.61 19.03
CA GLN B 213 -1.12 -5.52 20.01
C GLN B 213 -2.53 -5.43 20.59
N ILE B 214 -3.55 -5.68 19.76
CA ILE B 214 -4.92 -5.64 20.26
C ILE B 214 -5.14 -6.76 21.27
N PHE B 215 -4.53 -7.93 21.02
CA PHE B 215 -4.63 -9.04 21.94
C PHE B 215 -3.95 -8.69 23.27
N ARG B 216 -2.77 -8.09 23.18
CA ARG B 216 -2.03 -7.72 24.39
C ARG B 216 -2.79 -6.67 25.19
N LYS B 217 -3.54 -5.78 24.53
CA LYS B 217 -4.35 -4.79 25.24
C LYS B 217 -5.56 -5.41 25.92
N LEU B 218 -6.29 -6.24 25.18
CA LEU B 218 -7.57 -6.74 25.66
C LEU B 218 -7.44 -7.85 26.69
N TRP B 219 -6.40 -8.67 26.61
CA TRP B 219 -6.23 -9.79 27.52
C TRP B 219 -5.13 -9.50 28.52
N GLY B 220 -5.41 -9.71 29.79
CA GLY B 220 -4.43 -9.54 30.86
C GLY B 220 -4.27 -8.17 31.49
N ARG B 221 -4.11 -7.13 30.68
CA ARG B 221 -3.81 -5.81 31.19
C ARG B 221 -5.04 -5.19 31.85
N GLN B 222 -4.96 -4.92 33.15
CA GLN B 222 -6.07 -4.43 33.95
C GLN B 222 -5.68 -3.14 34.65
N ILE B 223 -6.35 -2.04 34.28
CA ILE B 223 -6.12 -0.73 34.89
C ILE B 223 -6.79 -0.67 36.27
N PRO B 224 -6.13 -0.14 37.29
CA PRO B 224 -6.71 -0.18 38.64
C PRO B 224 -8.04 0.54 38.71
N GLY B 225 -8.98 -0.06 39.45
CA GLY B 225 -10.31 0.50 39.64
C GLY B 225 -11.05 0.87 38.37
N THR B 226 -11.34 -0.09 37.51
CA THR B 226 -12.08 0.18 36.28
C THR B 226 -13.54 0.54 36.58
N THR B 227 -14.10 1.40 35.74
CA THR B 227 -15.53 1.67 35.78
C THR B 227 -16.30 0.41 35.40
N SER B 228 -17.51 0.27 35.94
CA SER B 228 -18.37 -0.84 35.51
C SER B 228 -18.63 -0.76 34.01
N ALA B 229 -18.89 0.45 33.50
CA ALA B 229 -19.15 0.64 32.08
C ALA B 229 -17.91 0.34 31.24
N GLU B 230 -16.72 0.62 31.79
CA GLU B 230 -15.49 0.31 31.05
C GLU B 230 -15.34 -1.20 30.89
N VAL B 231 -15.78 -1.95 31.90
CA VAL B 231 -15.73 -3.40 31.82
C VAL B 231 -16.71 -3.90 30.77
N LYS B 232 -17.91 -3.28 30.68
CA LYS B 232 -18.83 -3.73 29.63
C LYS B 232 -18.22 -3.52 28.25
N GLN B 233 -17.64 -2.32 28.03
CA GLN B 233 -17.04 -2.08 26.71
C GLN B 233 -15.89 -3.03 26.40
N MET B 234 -15.06 -3.37 27.40
CA MET B 234 -13.94 -4.27 27.15
C MET B 234 -14.39 -5.70 26.87
N ARG B 235 -15.37 -6.18 27.64
CA ARG B 235 -15.82 -7.56 27.47
C ARG B 235 -16.50 -7.73 26.12
N ALA B 236 -17.30 -6.75 25.70
CA ALA B 236 -17.89 -6.78 24.35
C ALA B 236 -16.83 -6.79 23.25
N ARG B 237 -15.79 -5.95 23.39
CA ARG B 237 -14.72 -5.89 22.40
C ARG B 237 -13.91 -7.18 22.29
N ARG B 238 -13.83 -7.96 23.38
CA ARG B 238 -13.10 -9.24 23.31
C ARG B 238 -13.71 -10.26 22.35
N LYS B 239 -15.05 -10.41 22.34
CA LYS B 239 -15.67 -11.38 21.43
C LYS B 239 -15.42 -11.01 19.97
N THR B 240 -15.68 -9.75 19.61
CA THR B 240 -15.48 -9.33 18.23
C THR B 240 -14.02 -9.49 17.84
N ALA B 241 -13.08 -9.18 18.74
CA ALA B 241 -11.67 -9.27 18.36
C ALA B 241 -11.27 -10.72 18.13
N LYS B 242 -11.82 -11.64 18.92
CA LYS B 242 -11.57 -13.05 18.70
C LYS B 242 -12.08 -13.48 17.33
N MET B 243 -13.29 -13.03 16.99
CA MET B 243 -13.87 -13.33 15.68
C MET B 243 -13.00 -12.80 14.56
N LEU B 244 -12.56 -11.54 14.66
CA LEU B 244 -11.79 -10.92 13.60
C LEU B 244 -10.43 -11.59 13.43
N MET B 245 -9.78 -11.99 14.53
CA MET B 245 -8.52 -12.71 14.38
C MET B 245 -8.74 -14.04 13.68
N VAL B 246 -9.87 -14.70 13.95
CA VAL B 246 -10.15 -15.93 13.22
C VAL B 246 -10.37 -15.65 11.74
N VAL B 247 -11.07 -14.56 11.43
CA VAL B 247 -11.34 -14.24 10.03
C VAL B 247 -10.03 -13.95 9.28
N VAL B 248 -9.11 -13.22 9.93
CA VAL B 248 -7.86 -12.89 9.26
C VAL B 248 -7.04 -14.16 9.08
N LEU B 249 -7.08 -15.05 10.08
CA LEU B 249 -6.33 -16.30 9.98
C LEU B 249 -6.87 -17.16 8.84
N VAL B 250 -8.20 -17.29 8.76
CA VAL B 250 -8.78 -18.12 7.71
C VAL B 250 -8.49 -17.52 6.35
N PHE B 251 -8.47 -16.19 6.26
CA PHE B 251 -8.14 -15.55 5.00
C PHE B 251 -6.69 -15.83 4.60
N ALA B 252 -5.77 -15.70 5.56
CA ALA B 252 -4.37 -15.96 5.27
C ALA B 252 -4.14 -17.40 4.83
N LEU B 253 -4.82 -18.35 5.49
CA LEU B 253 -4.66 -19.76 5.11
C LEU B 253 -5.27 -20.05 3.75
N CYS B 254 -6.45 -19.50 3.48
CA CYS B 254 -7.09 -19.84 2.23
C CYS B 254 -6.32 -19.30 1.06
N TYR B 255 -5.67 -18.15 1.22
CA TYR B 255 -4.97 -17.54 0.11
C TYR B 255 -3.48 -17.90 0.02
N LEU B 256 -2.89 -18.48 1.07
CA LEU B 256 -1.48 -18.84 1.04
C LEU B 256 -1.06 -19.80 -0.07
N PRO B 257 -1.75 -20.92 -0.30
CA PRO B 257 -1.25 -21.89 -1.29
C PRO B 257 -1.12 -21.33 -2.70
N ILE B 258 -2.12 -20.59 -3.19
CA ILE B 258 -2.05 -20.11 -4.56
C ILE B 258 -1.04 -18.98 -4.66
N SER B 259 -0.94 -18.15 -3.63
CA SER B 259 0.02 -17.05 -3.66
C SER B 259 1.43 -17.60 -3.76
N VAL B 260 1.74 -18.60 -2.92
CA VAL B 260 3.07 -19.20 -2.98
C VAL B 260 3.27 -19.87 -4.34
N LEU B 261 2.25 -20.60 -4.80
CA LEU B 261 2.37 -21.32 -6.05
C LEU B 261 2.60 -20.38 -7.22
N ASN B 262 1.87 -19.25 -7.25
CA ASN B 262 2.03 -18.27 -8.32
C ASN B 262 3.36 -17.54 -8.24
N VAL B 263 3.89 -17.31 -7.04
CA VAL B 263 5.22 -16.74 -6.97
C VAL B 263 6.24 -17.71 -7.54
N LEU B 264 6.16 -18.97 -7.10
CA LEU B 264 7.11 -19.97 -7.58
C LEU B 264 6.99 -20.19 -9.07
N LYS B 265 5.78 -20.11 -9.61
CA LYS B 265 5.62 -20.34 -11.04
C LYS B 265 6.05 -19.10 -11.84
N ARG B 266 5.61 -17.91 -11.43
CA ARG B 266 5.85 -16.68 -12.19
C ARG B 266 7.19 -16.04 -11.87
N VAL B 267 7.63 -16.10 -10.61
CA VAL B 267 8.88 -15.44 -10.26
C VAL B 267 10.06 -16.38 -10.39
N PHE B 268 9.89 -17.66 -9.98
CA PHE B 268 10.98 -18.63 -9.94
C PHE B 268 10.92 -19.65 -11.06
N GLY B 269 9.97 -19.55 -11.98
CA GLY B 269 10.01 -20.38 -13.16
C GLY B 269 9.79 -21.86 -12.90
N MET B 270 9.10 -22.19 -11.81
CA MET B 270 8.83 -23.57 -11.44
C MET B 270 7.62 -24.18 -12.15
N PHE B 271 7.48 -25.48 -11.96
CA PHE B 271 6.37 -26.35 -12.39
C PHE B 271 6.31 -26.58 -13.90
N ARG B 272 7.32 -26.12 -14.66
CA ARG B 272 7.34 -26.35 -16.10
C ARG B 272 7.65 -27.78 -16.52
N GLN B 273 8.31 -28.59 -15.68
CA GLN B 273 8.58 -29.97 -16.07
C GLN B 273 7.28 -30.76 -16.21
N ALA B 274 7.19 -31.54 -17.28
CA ALA B 274 5.95 -32.26 -17.57
C ALA B 274 5.87 -33.59 -16.86
N SER B 275 6.95 -34.02 -16.19
CA SER B 275 6.92 -35.28 -15.49
C SER B 275 5.97 -35.20 -14.30
N ASP B 276 5.83 -34.00 -13.73
CA ASP B 276 5.04 -33.80 -12.52
C ASP B 276 3.74 -33.10 -12.83
N ARG B 277 3.38 -33.06 -14.11
CA ARG B 277 2.26 -32.24 -14.57
C ARG B 277 1.02 -32.53 -13.75
N GLU B 278 0.70 -33.82 -13.61
CA GLU B 278 -0.52 -34.22 -12.92
C GLU B 278 -0.57 -33.63 -11.54
N ALA B 279 0.49 -33.82 -10.75
CA ALA B 279 0.47 -33.33 -9.38
C ALA B 279 0.33 -31.82 -9.36
N VAL B 280 1.05 -31.14 -10.26
CA VAL B 280 0.99 -29.69 -10.29
C VAL B 280 -0.43 -29.22 -10.56
N TYR B 281 -1.11 -29.83 -11.55
CA TYR B 281 -2.44 -29.33 -11.83
C TYR B 281 -3.36 -29.55 -10.66
N ALA B 282 -3.17 -30.65 -9.93
CA ALA B 282 -4.02 -30.86 -8.77
C ALA B 282 -3.79 -29.75 -7.78
N ALA B 283 -2.52 -29.44 -7.52
CA ALA B 283 -2.26 -28.46 -6.50
C ALA B 283 -2.88 -27.13 -6.89
N PHE B 284 -2.60 -26.67 -8.12
CA PHE B 284 -3.19 -25.40 -8.54
C PHE B 284 -4.71 -25.46 -8.50
N THR B 285 -5.29 -26.57 -8.93
CA THR B 285 -6.75 -26.64 -8.94
C THR B 285 -7.26 -26.57 -7.52
N PHE B 286 -6.63 -27.34 -6.62
CA PHE B 286 -7.05 -27.27 -5.24
C PHE B 286 -6.84 -25.88 -4.69
N SER B 287 -5.73 -25.24 -5.07
CA SER B 287 -5.47 -23.91 -4.52
C SER B 287 -6.53 -22.92 -5.00
N HIS B 288 -6.95 -23.06 -6.27
CA HIS B 288 -8.01 -22.17 -6.77
C HIS B 288 -9.25 -22.34 -5.91
N TRP B 289 -9.62 -23.59 -5.64
CA TRP B 289 -10.83 -23.82 -4.89
C TRP B 289 -10.76 -23.17 -3.52
N LEU B 290 -9.56 -23.16 -2.92
CA LEU B 290 -9.47 -22.62 -1.57
C LEU B 290 -9.86 -21.15 -1.54
N VAL B 291 -9.55 -20.40 -2.60
CA VAL B 291 -9.93 -18.99 -2.61
C VAL B 291 -11.44 -18.89 -2.49
N TYR B 292 -12.15 -19.62 -3.33
CA TYR B 292 -13.61 -19.56 -3.29
C TYR B 292 -14.11 -20.17 -2.00
N ALA B 293 -13.39 -21.15 -1.45
CA ALA B 293 -13.82 -21.71 -0.18
C ALA B 293 -13.85 -20.64 0.89
N ASN B 294 -12.97 -19.64 0.76
CA ASN B 294 -12.91 -18.61 1.76
C ASN B 294 -14.22 -17.85 1.82
N SER B 295 -14.86 -17.63 0.65
CA SER B 295 -16.12 -16.92 0.65
C SER B 295 -17.20 -17.71 1.38
N ALA B 296 -17.11 -19.04 1.33
CA ALA B 296 -18.05 -19.86 2.10
C ALA B 296 -17.65 -19.88 3.57
N ALA B 297 -16.35 -19.73 3.84
CA ALA B 297 -15.86 -19.88 5.21
C ALA B 297 -16.27 -18.69 6.07
N ASN B 298 -16.24 -17.49 5.49
CA ASN B 298 -16.45 -16.29 6.29
C ASN B 298 -17.80 -16.24 6.99
N PRO B 299 -18.94 -16.43 6.31
CA PRO B 299 -20.22 -16.39 7.04
C PRO B 299 -20.31 -17.41 8.16
N ILE B 300 -19.77 -18.61 7.96
CA ILE B 300 -19.80 -19.62 9.01
C ILE B 300 -19.07 -19.11 10.23
N ILE B 301 -17.91 -18.47 10.02
CA ILE B 301 -17.17 -17.91 11.14
C ILE B 301 -18.06 -16.96 11.94
N TYR B 302 -18.78 -16.06 11.24
CA TYR B 302 -19.62 -15.12 11.98
C TYR B 302 -20.67 -15.88 12.78
N ASN B 303 -21.24 -16.91 12.16
CA ASN B 303 -22.31 -17.64 12.83
C ASN B 303 -21.81 -18.23 14.13
N PHE B 304 -20.55 -18.66 14.17
CA PHE B 304 -20.06 -19.32 15.37
C PHE B 304 -19.39 -18.37 16.36
N LEU B 305 -19.06 -17.14 15.96
CA LEU B 305 -18.25 -16.30 16.83
C LEU B 305 -18.90 -14.96 17.14
N SER B 306 -20.06 -14.67 16.57
CA SER B 306 -20.84 -13.48 16.87
C SER B 306 -22.27 -13.95 17.15
N GLY B 307 -22.71 -13.80 18.40
CA GLY B 307 -24.07 -14.18 18.74
C GLY B 307 -25.11 -13.28 18.09
N LYS B 308 -24.73 -12.03 17.80
CA LYS B 308 -25.62 -11.14 17.06
C LYS B 308 -25.87 -11.68 15.65
N PHE B 309 -24.79 -11.99 14.92
CA PHE B 309 -24.94 -12.59 13.60
C PHE B 309 -25.71 -13.89 13.54
N ARG B 310 -25.48 -14.79 14.49
CA ARG B 310 -26.22 -16.04 14.42
C ARG B 310 -27.71 -15.87 14.76
N GLU B 311 -28.01 -14.87 15.60
CA GLU B 311 -29.41 -14.60 15.91
C GLU B 311 -30.06 -14.12 14.62
N GLN B 312 -29.43 -13.16 13.93
CA GLN B 312 -30.04 -12.69 12.69
C GLN B 312 -30.11 -13.78 11.62
N PHE B 313 -29.02 -14.56 11.46
CA PHE B 313 -29.04 -15.64 10.48
C PHE B 313 -30.06 -16.70 10.82
N LYS B 314 -30.15 -17.08 12.09
CA LYS B 314 -31.13 -18.06 12.52
C LYS B 314 -32.56 -17.58 12.27
N ALA B 315 -32.87 -16.32 12.58
CA ALA B 315 -34.24 -15.87 12.30
C ALA B 315 -34.53 -15.92 10.80
N ALA B 316 -33.54 -15.57 9.97
CA ALA B 316 -33.75 -15.64 8.53
C ALA B 316 -33.90 -17.10 8.09
N PHE B 317 -33.12 -17.98 8.72
CA PHE B 317 -33.12 -19.41 8.46
C PHE B 317 -34.45 -20.04 8.85
N SER B 318 -35.02 -19.60 9.97
CA SER B 318 -36.32 -20.05 10.44
C SER B 318 -37.42 -19.61 9.49
N TRP B 319 -37.23 -18.44 8.85
CA TRP B 319 -38.28 -17.93 7.97
C TRP B 319 -38.46 -18.80 6.72
N TRP B 320 -37.37 -19.25 6.11
CA TRP B 320 -37.46 -20.08 4.90
C TRP B 320 -37.25 -21.56 5.21
N LEU B 321 -37.90 -22.06 6.27
CA LEU B 321 -37.86 -23.47 6.63
C LEU B 321 -38.94 -23.78 7.67
#